data_3NBW
#
_entry.id   3NBW
#
_cell.length_a   82.701
_cell.length_b   85.630
_cell.length_c   136.598
_cell.angle_alpha   90.00
_cell.angle_beta   90.00
_cell.angle_gamma   90.00
#
_symmetry.space_group_name_H-M   'P 21 21 21'
#
loop_
_entity.id
_entity.type
_entity.pdbx_description
1 polymer Ketohexokinase
2 non-polymer GLYCEROL
3 non-polymer 'SULFATE ION'
4 non-polymer 5-amino-3-(methylsulfanyl)-1-phenyl-1H-pyrazole-4-carbonitrile
5 water water
#
_entity_poly.entity_id   1
_entity_poly.type   'polypeptide(L)'
_entity_poly.pdbx_seq_one_letter_code
;MGSSHHHHHHSSGLVPRGSQILCVGLVVLDVISLVDKYPKEDSEIRCLSQRWQRGGNASNSCTVLSLLGAPCAFMGSMAP
GHVADFLVADFRRRGVDVSQVAWQSKGDTPSSCCIINNSNGNRTIVLHDTSLPDVSATDFEKVDLTQFKWIHIEGRNASE
QVKMLQRIDAHNTRQPPEQKIRVSVEVEKPREELFQLFGYGDVVFVSKDVAKHLGFQSAEEALRGLYGRVRKGAVLVCAW
AEEGADALGPDGKLLHSDAFPPPRVVDTLGAGDTFNASVIFSLSQGRSVQEALRFGCQVAGKKCGLQGFDGIV
;
_entity_poly.pdbx_strand_id   A,B
#
loop_
_chem_comp.id
_chem_comp.type
_chem_comp.name
_chem_comp.formula
GOL non-polymer GLYCEROL 'C3 H8 O3'
SO4 non-polymer 'SULFATE ION' 'O4 S -2'
TR4 non-polymer 5-amino-3-(methylsulfanyl)-1-phenyl-1H-pyrazole-4-carbonitrile 'C11 H10 N4 S'
#
# COMPACT_ATOMS: atom_id res chain seq x y z
N GLY A 18 26.65 3.23 29.35
CA GLY A 18 26.22 4.30 28.46
C GLY A 18 26.77 4.13 27.04
N SER A 19 26.37 3.06 26.38
CA SER A 19 26.95 2.70 25.10
C SER A 19 25.95 2.84 23.94
N GLN A 20 24.66 2.85 24.25
CA GLN A 20 23.61 2.90 23.22
C GLN A 20 23.16 4.31 22.87
N ILE A 21 22.52 4.45 21.72
CA ILE A 21 21.83 5.68 21.36
C ILE A 21 20.36 5.35 21.24
N LEU A 22 19.51 6.15 21.86
CA LEU A 22 18.09 5.87 21.87
C LEU A 22 17.34 6.88 21.01
N CYS A 23 16.50 6.40 20.09
CA CYS A 23 15.55 7.27 19.41
C CYS A 23 14.10 7.00 19.80
N VAL A 24 13.41 8.09 20.10
CA VAL A 24 12.05 8.07 20.59
C VAL A 24 11.16 8.77 19.56
N GLY A 25 10.31 8.00 18.90
CA GLY A 25 9.43 8.52 17.87
C GLY A 25 8.52 7.45 17.28
N LEU A 26 8.20 7.58 15.99
CA LEU A 26 7.23 6.70 15.36
C LEU A 26 7.89 5.57 14.59
N VAL A 27 7.19 4.44 14.51
CA VAL A 27 7.52 3.42 13.51
C VAL A 27 6.26 3.20 12.69
N VAL A 28 6.40 3.19 11.37
CA VAL A 28 5.24 3.22 10.49
C VAL A 28 5.54 2.33 9.30
N LEU A 29 4.56 1.56 8.85
CA LEU A 29 4.73 0.78 7.63
C LEU A 29 4.67 1.69 6.42
N ASP A 30 5.75 1.73 5.66
CA ASP A 30 5.79 2.50 4.41
C ASP A 30 5.53 1.60 3.24
N VAL A 31 4.38 1.80 2.60
CA VAL A 31 4.04 1.05 1.41
C VAL A 31 4.44 1.89 0.22
N ILE A 32 5.52 1.48 -0.43
CA ILE A 32 6.17 2.34 -1.41
C ILE A 32 5.85 1.96 -2.85
N SER A 33 5.46 2.95 -3.64
CA SER A 33 5.33 2.78 -5.08
C SER A 33 6.28 3.71 -5.82
N LEU A 34 7.05 3.12 -6.71
CA LEU A 34 8.04 3.83 -7.49
C LEU A 34 7.48 4.06 -8.90
N VAL A 35 7.36 5.32 -9.28
CA VAL A 35 6.73 5.72 -10.54
C VAL A 35 7.71 6.53 -11.36
N ASP A 36 7.56 6.59 -12.68
CA ASP A 36 8.50 7.43 -13.42
C ASP A 36 8.06 8.89 -13.55
N LYS A 37 6.81 9.18 -13.21
CA LYS A 37 6.34 10.56 -13.06
C LYS A 37 5.24 10.69 -12.00
N TYR A 38 5.15 11.86 -11.38
CA TYR A 38 4.11 12.08 -10.39
C TYR A 38 2.76 12.10 -11.08
N PRO A 39 1.77 11.35 -10.56
CA PRO A 39 0.49 11.21 -11.26
C PRO A 39 -0.32 12.50 -11.22
N LYS A 40 -0.94 12.86 -12.33
CA LYS A 40 -1.86 13.99 -12.30
C LYS A 40 -3.16 13.55 -11.61
N GLU A 41 -3.82 14.49 -10.93
CA GLU A 41 -5.12 14.23 -10.34
C GLU A 41 -5.96 13.49 -11.35
N ASP A 42 -6.71 12.50 -10.88
CA ASP A 42 -7.71 11.87 -11.71
C ASP A 42 -7.14 10.77 -12.60
N SER A 43 -5.83 10.78 -12.83
CA SER A 43 -5.22 9.78 -13.70
C SER A 43 -5.05 8.40 -13.07
N GLU A 44 -4.78 7.40 -13.90
CA GLU A 44 -4.38 6.10 -13.42
C GLU A 44 -3.09 5.71 -14.17
N ILE A 45 -1.98 5.62 -13.44
CA ILE A 45 -0.72 5.18 -14.00
C ILE A 45 -0.20 3.94 -13.30
N ARG A 46 0.52 3.09 -14.02
CA ARG A 46 1.11 1.88 -13.47
C ARG A 46 2.50 2.20 -12.91
N CYS A 47 2.83 1.67 -11.73
CA CYS A 47 4.16 1.92 -11.15
C CYS A 47 5.22 0.94 -11.68
N LEU A 48 6.49 1.34 -11.57
CA LEU A 48 7.63 0.53 -12.00
C LEU A 48 7.95 -0.61 -11.03
N SER A 49 7.90 -0.33 -9.73
CA SER A 49 8.08 -1.35 -8.71
C SER A 49 7.49 -0.90 -7.38
N GLN A 50 7.58 -1.77 -6.38
CA GLN A 50 6.86 -1.60 -5.14
C GLN A 50 7.60 -2.31 -4.03
N ARG A 51 7.48 -1.79 -2.83
CA ARG A 51 8.07 -2.48 -1.69
C ARG A 51 7.46 -1.98 -0.40
N TRP A 52 7.61 -2.78 0.65
CA TRP A 52 7.34 -2.35 2.01
C TRP A 52 8.65 -1.95 2.66
N GLN A 53 8.57 -0.96 3.54
CA GLN A 53 9.75 -0.49 4.24
C GLN A 53 9.33 -0.09 5.64
N ARG A 54 10.14 -0.45 6.63
CA ARG A 54 9.93 0.09 7.97
C ARG A 54 10.24 1.58 7.92
N GLY A 55 9.31 2.40 8.38
CA GLY A 55 9.44 3.84 8.30
C GLY A 55 9.20 4.47 9.66
N GLY A 56 8.76 5.72 9.66
CA GLY A 56 8.72 6.49 10.88
C GLY A 56 10.09 7.13 11.10
N ASN A 57 10.07 8.43 11.39
CA ASN A 57 11.31 9.22 11.51
C ASN A 57 12.34 8.66 12.47
N ALA A 58 11.93 8.37 13.69
CA ALA A 58 12.86 7.85 14.68
C ALA A 58 13.29 6.42 14.32
N SER A 59 12.42 5.74 13.59
CA SER A 59 12.72 4.37 13.13
C SER A 59 13.79 4.36 12.04
N ASN A 60 13.66 5.26 11.07
CA ASN A 60 14.66 5.38 10.01
C ASN A 60 16.00 5.74 10.60
N SER A 61 16.00 6.69 11.53
CA SER A 61 17.22 7.11 12.21
C SER A 61 17.94 5.93 12.91
N CYS A 62 17.18 5.05 13.55
CA CYS A 62 17.76 3.83 14.10
C CYS A 62 18.39 2.93 13.04
N THR A 63 17.73 2.78 11.89
CA THR A 63 18.29 2.03 10.77
C THR A 63 19.65 2.61 10.42
N VAL A 64 19.69 3.92 10.28
CA VAL A 64 20.91 4.60 9.84
C VAL A 64 22.02 4.49 10.89
N LEU A 65 21.66 4.74 12.15
CA LEU A 65 22.61 4.62 13.26
C LEU A 65 23.21 3.22 13.25
N SER A 66 22.33 2.21 13.16
CA SER A 66 22.77 0.84 13.11
C SER A 66 23.78 0.60 11.99
N LEU A 67 23.45 1.01 10.76
CA LEU A 67 24.35 0.85 9.61
C LEU A 67 25.68 1.61 9.77
N LEU A 68 25.66 2.69 10.54
CA LEU A 68 26.89 3.46 10.79
C LEU A 68 27.78 2.82 11.85
N GLY A 69 27.22 1.86 12.58
CA GLY A 69 27.97 1.10 13.56
C GLY A 69 27.58 1.38 15.02
N ALA A 70 26.71 2.36 15.23
CA ALA A 70 26.28 2.72 16.59
C ALA A 70 25.23 1.78 17.14
N PRO A 71 25.53 1.11 18.26
CA PRO A 71 24.44 0.39 18.95
C PRO A 71 23.38 1.38 19.37
N CYS A 72 22.12 1.05 19.14
CA CYS A 72 21.02 1.98 19.32
C CYS A 72 19.72 1.25 19.64
N ALA A 73 18.74 1.98 20.16
CA ALA A 73 17.48 1.39 20.57
C ALA A 73 16.32 2.22 20.07
N PHE A 74 15.21 1.58 19.76
CA PHE A 74 14.01 2.29 19.37
C PHE A 74 12.98 2.29 20.47
N MET A 75 12.38 3.44 20.74
CA MET A 75 11.24 3.50 21.64
C MET A 75 10.06 4.18 20.98
N GLY A 76 8.98 3.42 20.80
CA GLY A 76 7.72 3.98 20.31
C GLY A 76 6.57 3.02 20.53
N SER A 77 5.36 3.50 20.24
CA SER A 77 4.15 2.68 20.34
C SER A 77 4.02 1.68 19.20
N MET A 78 3.67 0.45 19.55
CA MET A 78 3.42 -0.59 18.57
C MET A 78 2.21 -1.46 18.99
N ALA A 79 1.34 -1.77 18.03
CA ALA A 79 0.21 -2.66 18.27
C ALA A 79 0.48 -4.04 17.68
N PRO A 80 0.31 -5.10 18.49
CA PRO A 80 0.59 -6.45 18.00
C PRO A 80 -0.26 -6.78 16.76
N GLY A 81 0.38 -7.41 15.79
CA GLY A 81 -0.29 -7.83 14.58
C GLY A 81 0.73 -8.32 13.58
N HIS A 82 0.27 -8.66 12.39
CA HIS A 82 1.17 -9.21 11.38
C HIS A 82 2.12 -8.14 10.84
N VAL A 83 1.66 -6.89 10.88
CA VAL A 83 2.42 -5.76 10.40
C VAL A 83 3.55 -5.51 11.38
N ALA A 84 3.19 -5.38 12.66
CA ALA A 84 4.18 -5.22 13.71
C ALA A 84 5.26 -6.29 13.63
N ASP A 85 4.84 -7.53 13.32
CA ASP A 85 5.77 -8.66 13.19
C ASP A 85 6.78 -8.40 12.07
N PHE A 86 6.30 -7.77 11.00
CA PHE A 86 7.17 -7.36 9.90
C PHE A 86 8.15 -6.27 10.36
N LEU A 87 7.62 -5.25 11.02
CA LEU A 87 8.42 -4.15 11.53
C LEU A 87 9.50 -4.65 12.52
N VAL A 88 9.08 -5.45 13.49
CA VAL A 88 9.98 -5.98 14.52
C VAL A 88 11.10 -6.82 13.90
N ALA A 89 10.75 -7.68 12.95
CA ALA A 89 11.75 -8.51 12.30
C ALA A 89 12.75 -7.64 11.55
N ASP A 90 12.28 -6.54 10.99
CA ASP A 90 13.16 -5.61 10.29
C ASP A 90 14.11 -4.92 11.29
N PHE A 91 13.57 -4.47 12.41
CA PHE A 91 14.37 -3.92 13.52
C PHE A 91 15.52 -4.86 13.92
N ARG A 92 15.22 -6.15 14.07
CA ARG A 92 16.20 -7.15 14.51
C ARG A 92 17.24 -7.47 13.46
N ARG A 93 16.81 -7.60 12.21
CA ARG A 93 17.72 -7.87 11.11
C ARG A 93 18.76 -6.75 11.05
N ARG A 94 18.41 -5.60 11.63
CA ARG A 94 19.29 -4.44 11.66
C ARG A 94 20.03 -4.33 12.99
N GLY A 95 19.64 -5.14 13.96
CA GLY A 95 20.23 -5.10 15.27
C GLY A 95 19.68 -3.97 16.14
N VAL A 96 18.64 -3.28 15.67
CA VAL A 96 18.05 -2.22 16.48
C VAL A 96 17.37 -2.87 17.69
N ASP A 97 17.60 -2.31 18.86
CA ASP A 97 17.09 -2.85 20.11
C ASP A 97 15.66 -2.35 20.33
N VAL A 98 14.73 -3.28 20.44
CA VAL A 98 13.31 -2.92 20.55
C VAL A 98 12.71 -3.17 21.94
N SER A 99 13.56 -3.57 22.89
CA SER A 99 13.10 -3.92 24.24
C SER A 99 12.40 -2.78 24.98
N GLN A 100 12.55 -1.55 24.49
CA GLN A 100 11.87 -0.42 25.09
C GLN A 100 10.56 -0.04 24.40
N VAL A 101 10.06 -0.88 23.49
CA VAL A 101 8.85 -0.54 22.75
C VAL A 101 7.58 -0.51 23.63
N ALA A 102 6.74 0.51 23.46
CA ALA A 102 5.50 0.64 24.24
C ALA A 102 4.32 -0.04 23.55
N TRP A 103 4.21 -1.36 23.71
CA TRP A 103 3.14 -2.11 23.07
C TRP A 103 1.76 -1.67 23.57
N GLN A 104 0.83 -1.48 22.64
CA GLN A 104 -0.53 -1.12 22.98
C GLN A 104 -1.45 -2.34 22.89
N SER A 105 -2.68 -2.18 23.35
CA SER A 105 -3.69 -3.21 23.21
C SER A 105 -4.83 -2.68 22.35
N LYS A 106 -4.86 -1.35 22.18
CA LYS A 106 -5.82 -0.70 21.28
C LYS A 106 -5.13 0.04 20.12
N GLY A 107 -5.78 0.06 18.96
CA GLY A 107 -5.24 0.72 17.77
C GLY A 107 -4.49 -0.22 16.83
N ASP A 108 -4.35 0.18 15.56
CA ASP A 108 -3.52 -0.57 14.62
C ASP A 108 -2.22 0.18 14.40
N THR A 109 -1.22 -0.46 13.79
CA THR A 109 0.01 0.26 13.51
C THR A 109 -0.25 1.21 12.36
N PRO A 110 0.37 2.40 12.38
CA PRO A 110 0.14 3.33 11.28
C PRO A 110 0.78 2.78 10.02
N SER A 111 0.33 3.26 8.87
CA SER A 111 0.97 2.93 7.61
C SER A 111 0.74 4.10 6.70
N SER A 112 1.61 4.23 5.70
CA SER A 112 1.43 5.26 4.69
C SER A 112 1.68 4.74 3.30
N CYS A 113 1.08 5.40 2.33
CA CYS A 113 1.41 5.15 0.94
C CYS A 113 2.40 6.21 0.54
N CYS A 114 3.54 5.75 0.02
CA CYS A 114 4.57 6.67 -0.37
C CYS A 114 4.78 6.52 -1.86
N ILE A 115 4.66 7.61 -2.60
CA ILE A 115 5.02 7.59 -3.99
C ILE A 115 6.39 8.21 -4.18
N ILE A 116 7.28 7.46 -4.80
CA ILE A 116 8.61 7.96 -5.10
C ILE A 116 8.71 8.18 -6.61
N ASN A 117 8.95 9.42 -6.98
CA ASN A 117 9.12 9.80 -8.38
C ASN A 117 10.53 9.42 -8.79
N ASN A 118 10.67 8.44 -9.66
CA ASN A 118 11.99 7.88 -9.92
C ASN A 118 12.93 8.76 -10.73
N SER A 119 12.39 9.81 -11.33
CA SER A 119 13.16 10.63 -12.23
C SER A 119 13.37 11.99 -11.59
N ASN A 120 13.95 12.01 -10.40
CA ASN A 120 13.57 13.06 -9.50
C ASN A 120 13.85 12.74 -8.01
N GLY A 121 13.48 11.54 -7.59
CA GLY A 121 13.59 11.14 -6.20
C GLY A 121 12.62 11.81 -5.21
N ASN A 122 11.74 12.69 -5.67
CA ASN A 122 10.75 13.25 -4.75
C ASN A 122 9.92 12.12 -4.14
N ARG A 123 9.56 12.27 -2.88
CA ARG A 123 8.70 11.30 -2.24
C ARG A 123 7.49 12.04 -1.70
N THR A 124 6.31 11.48 -1.93
CA THR A 124 5.09 12.07 -1.45
C THR A 124 4.44 11.03 -0.54
N ILE A 125 4.08 11.44 0.67
CA ILE A 125 3.56 10.53 1.66
C ILE A 125 2.13 10.85 2.06
N VAL A 126 1.27 9.83 2.04
CA VAL A 126 -0.08 9.90 2.59
C VAL A 126 -0.10 8.95 3.79
N LEU A 127 -0.15 9.54 4.98
CA LEU A 127 0.01 8.81 6.23
C LEU A 127 -1.35 8.45 6.80
N HIS A 128 -1.51 7.21 7.22
CA HIS A 128 -2.70 6.81 7.92
C HIS A 128 -2.32 6.73 9.39
N ASP A 129 -2.60 7.81 10.10
CA ASP A 129 -2.28 7.89 11.52
C ASP A 129 -3.38 7.20 12.30
N THR A 130 -3.01 6.14 13.01
CA THR A 130 -4.01 5.37 13.75
C THR A 130 -4.20 5.95 15.16
N SER A 131 -5.35 5.65 15.78
CA SER A 131 -5.64 6.16 17.11
C SER A 131 -4.55 5.75 18.10
N LEU A 132 -3.74 4.76 17.71
CA LEU A 132 -2.64 4.24 18.53
C LEU A 132 -2.08 5.29 19.47
N PRO A 133 -2.04 4.97 20.77
CA PRO A 133 -1.61 5.93 21.79
C PRO A 133 -0.13 6.26 21.71
N ASP A 134 0.21 7.54 21.82
CA ASP A 134 1.60 7.96 21.83
C ASP A 134 2.31 7.46 23.08
N VAL A 135 3.59 7.17 22.97
CA VAL A 135 4.38 6.82 24.16
C VAL A 135 4.26 7.97 25.16
N SER A 136 4.14 7.63 26.45
CA SER A 136 3.85 8.64 27.46
C SER A 136 4.99 8.81 28.46
N ALA A 137 4.97 9.91 29.21
CA ALA A 137 5.95 10.14 30.27
C ALA A 137 5.99 8.94 31.20
N THR A 138 4.81 8.46 31.60
CA THR A 138 4.71 7.24 32.38
C THR A 138 5.54 6.12 31.77
N ASP A 139 5.37 5.91 30.47
CA ASP A 139 6.17 4.93 29.75
C ASP A 139 7.65 5.28 29.91
N PHE A 140 8.00 6.54 29.65
CA PHE A 140 9.39 6.95 29.63
C PHE A 140 10.06 6.76 30.99
N GLU A 141 9.33 7.13 32.03
CA GLU A 141 9.83 7.06 33.41
C GLU A 141 10.41 5.69 33.73
N LYS A 142 9.94 4.65 33.04
CA LYS A 142 10.37 3.28 33.33
C LYS A 142 11.66 2.88 32.60
N VAL A 143 12.26 3.80 31.85
CA VAL A 143 13.45 3.46 31.06
C VAL A 143 14.77 3.63 31.83
N ASP A 144 15.64 2.61 31.75
CA ASP A 144 16.96 2.67 32.42
C ASP A 144 17.92 3.59 31.68
N LEU A 145 17.92 4.86 32.05
CA LEU A 145 18.70 5.88 31.37
C LEU A 145 20.20 5.64 31.39
N THR A 146 20.65 4.57 32.04
CA THR A 146 22.10 4.36 32.20
C THR A 146 22.79 3.66 31.03
N GLN A 147 22.01 3.03 30.15
CA GLN A 147 22.58 2.37 28.98
C GLN A 147 22.79 3.30 27.78
N PHE A 148 22.32 4.54 27.87
CA PHE A 148 22.31 5.46 26.73
C PHE A 148 23.31 6.62 26.85
N LYS A 149 24.09 6.85 25.79
CA LYS A 149 24.97 8.02 25.70
C LYS A 149 24.22 9.20 25.09
N TRP A 150 23.26 8.89 24.22
CA TRP A 150 22.51 9.89 23.48
C TRP A 150 21.04 9.50 23.46
N ILE A 151 20.17 10.50 23.56
CA ILE A 151 18.75 10.28 23.43
C ILE A 151 18.16 11.32 22.49
N HIS A 152 17.70 10.85 21.33
CA HIS A 152 17.04 11.69 20.33
C HIS A 152 15.52 11.50 20.39
N ILE A 153 14.79 12.59 20.45
CA ILE A 153 13.34 12.56 20.53
C ILE A 153 12.69 13.22 19.33
N GLU A 154 11.97 12.43 18.54
CA GLU A 154 11.18 12.93 17.42
C GLU A 154 9.95 13.64 17.96
N GLY A 155 9.87 14.96 17.76
CA GLY A 155 8.76 15.75 18.27
C GLY A 155 7.39 15.30 17.82
N ARG A 156 6.57 14.83 18.77
CA ARG A 156 5.20 14.41 18.46
C ARG A 156 4.17 14.92 19.48
N ASN A 157 4.06 14.20 20.61
CA ASN A 157 3.24 14.65 21.73
C ASN A 157 4.01 15.59 22.68
N ALA A 158 4.01 16.88 22.36
CA ALA A 158 4.93 17.85 22.98
C ALA A 158 4.85 17.93 24.50
N SER A 159 3.71 18.40 25.02
CA SER A 159 3.54 18.53 26.47
C SER A 159 3.96 17.28 27.24
N GLU A 160 3.72 16.10 26.66
CA GLU A 160 4.10 14.84 27.29
C GLU A 160 5.61 14.55 27.14
N GLN A 161 6.19 15.05 26.05
CA GLN A 161 7.60 14.85 25.75
C GLN A 161 8.48 15.81 26.55
N VAL A 162 7.96 17.01 26.81
CA VAL A 162 8.68 17.97 27.63
C VAL A 162 8.96 17.34 28.98
N LYS A 163 7.95 16.65 29.51
CA LYS A 163 8.10 15.85 30.72
C LYS A 163 9.26 14.84 30.61
N MET A 164 9.31 14.08 29.51
CA MET A 164 10.38 13.11 29.28
C MET A 164 11.76 13.79 29.28
N LEU A 165 11.78 15.04 28.84
CA LEU A 165 13.04 15.78 28.74
C LEU A 165 13.50 16.29 30.11
N GLN A 166 12.61 16.95 30.85
CA GLN A 166 12.92 17.37 32.22
C GLN A 166 13.45 16.18 33.00
N ARG A 167 12.91 15.00 32.70
CA ARG A 167 13.37 13.76 33.33
C ARG A 167 14.85 13.57 33.05
N ILE A 168 15.26 13.74 31.80
CA ILE A 168 16.65 13.51 31.43
C ILE A 168 17.59 14.55 32.05
N ASP A 169 17.19 15.82 32.05
CA ASP A 169 17.96 16.89 32.70
C ASP A 169 18.24 16.57 34.15
N ALA A 170 17.19 16.21 34.87
CA ALA A 170 17.29 15.79 36.27
C ALA A 170 18.42 14.79 36.43
N HIS A 171 18.28 13.65 35.77
CA HIS A 171 19.30 12.61 35.77
C HIS A 171 20.70 13.20 35.55
N ASN A 172 20.80 14.19 34.67
CA ASN A 172 22.08 14.77 34.31
C ASN A 172 22.68 15.61 35.44
N THR A 173 21.83 16.33 36.18
CA THR A 173 22.32 17.17 37.27
C THR A 173 22.97 16.33 38.37
N ARG A 174 22.79 15.01 38.31
CA ARG A 174 23.38 14.13 39.31
C ARG A 174 24.47 13.21 38.73
N GLN A 175 25.19 13.70 37.73
CA GLN A 175 26.24 12.92 37.08
C GLN A 175 27.42 13.81 36.72
N PRO A 176 28.61 13.21 36.56
CA PRO A 176 29.78 13.93 36.04
C PRO A 176 29.50 14.44 34.62
N PRO A 177 30.18 15.51 34.20
CA PRO A 177 30.04 15.96 32.81
C PRO A 177 30.41 14.83 31.84
N GLU A 178 31.29 13.94 32.29
CA GLU A 178 31.75 12.82 31.48
C GLU A 178 30.66 11.76 31.33
N GLN A 179 29.60 11.89 32.13
CA GLN A 179 28.54 10.88 32.11
C GLN A 179 27.17 11.47 31.79
N LYS A 180 27.12 12.70 31.29
CA LYS A 180 25.83 13.30 30.93
C LYS A 180 25.26 12.72 29.63
N ILE A 181 23.95 12.50 29.62
CA ILE A 181 23.28 11.95 28.44
C ILE A 181 23.04 13.07 27.44
N ARG A 182 23.71 13.00 26.30
CA ARG A 182 23.54 14.01 25.25
C ARG A 182 22.13 13.89 24.70
N VAL A 183 21.49 15.02 24.40
CA VAL A 183 20.09 15.01 24.03
C VAL A 183 19.79 15.79 22.74
N SER A 184 18.96 15.23 21.88
CA SER A 184 18.57 15.92 20.66
C SER A 184 17.07 15.87 20.43
N VAL A 185 16.59 16.83 19.66
CA VAL A 185 15.17 17.05 19.41
C VAL A 185 14.95 17.30 17.92
N GLU A 186 13.91 16.68 17.33
CA GLU A 186 13.50 17.06 15.99
C GLU A 186 12.14 17.75 16.01
N VAL A 187 12.07 18.95 15.43
CA VAL A 187 10.80 19.65 15.25
C VAL A 187 10.50 19.76 13.76
N GLU A 188 9.75 18.81 13.22
CA GLU A 188 9.58 18.71 11.76
C GLU A 188 8.25 19.21 11.19
N LYS A 189 7.18 19.13 11.97
CA LYS A 189 5.88 19.57 11.46
C LYS A 189 5.56 20.98 11.91
N PRO A 190 5.01 21.78 10.99
CA PRO A 190 4.63 23.17 11.27
C PRO A 190 3.46 23.17 12.25
N ARG A 191 3.69 22.59 13.42
CA ARG A 191 2.65 22.36 14.42
C ARG A 191 3.06 23.01 15.75
N GLU A 192 2.25 23.99 16.18
CA GLU A 192 2.61 24.91 17.25
C GLU A 192 2.92 24.24 18.60
N GLU A 193 2.12 23.23 18.97
CA GLU A 193 2.35 22.47 20.21
C GLU A 193 3.82 22.09 20.34
N LEU A 194 4.45 21.79 19.19
CA LEU A 194 5.82 21.31 19.13
C LEU A 194 6.89 22.36 19.44
N PHE A 195 6.60 23.62 19.12
CA PHE A 195 7.59 24.69 19.23
C PHE A 195 8.22 24.84 20.61
N GLN A 196 7.59 24.28 21.64
CA GLN A 196 8.12 24.41 22.99
C GLN A 196 9.28 23.45 23.22
N LEU A 197 9.44 22.52 22.30
CA LEU A 197 10.53 21.54 22.37
C LEU A 197 11.87 22.18 21.99
N PHE A 198 11.86 23.49 21.78
CA PHE A 198 12.93 24.20 21.07
C PHE A 198 14.27 24.52 21.75
N GLY A 199 14.31 24.78 23.05
CA GLY A 199 13.32 24.39 24.03
C GLY A 199 14.18 23.56 24.93
N TYR A 200 14.43 22.33 24.51
CA TYR A 200 15.24 21.39 25.26
C TYR A 200 16.27 20.74 24.34
N GLY A 201 17.21 20.00 24.92
CA GLY A 201 18.22 19.33 24.13
C GLY A 201 19.45 20.15 23.83
N ASP A 202 20.58 19.45 23.75
CA ASP A 202 21.87 20.01 23.38
C ASP A 202 21.94 20.33 21.90
N VAL A 203 21.24 19.51 21.09
CA VAL A 203 21.17 19.71 19.64
C VAL A 203 19.71 19.71 19.19
N VAL A 204 19.29 20.77 18.48
CA VAL A 204 17.91 20.91 18.02
C VAL A 204 17.79 20.98 16.49
N PHE A 205 17.07 20.03 15.91
CA PHE A 205 16.82 19.97 14.47
C PHE A 205 15.49 20.59 14.10
N VAL A 206 15.53 21.61 13.23
CA VAL A 206 14.31 22.17 12.67
C VAL A 206 14.26 21.99 11.15
N SER A 207 13.12 21.56 10.63
CA SER A 207 13.02 21.27 9.21
C SER A 207 12.86 22.53 8.39
N LYS A 208 13.27 22.46 7.13
CA LYS A 208 12.96 23.48 6.14
C LYS A 208 11.47 23.85 6.17
N ASP A 209 10.63 22.82 6.13
CA ASP A 209 9.17 22.96 6.16
C ASP A 209 8.72 23.86 7.32
N VAL A 210 9.13 23.53 8.55
CA VAL A 210 8.86 24.40 9.68
C VAL A 210 9.44 25.79 9.49
N ALA A 211 10.70 25.86 9.09
CA ALA A 211 11.36 27.15 8.93
C ALA A 211 10.56 28.08 8.01
N LYS A 212 10.09 27.53 6.89
CA LYS A 212 9.27 28.30 5.93
C LYS A 212 7.93 28.72 6.52
N HIS A 213 7.22 27.77 7.14
CA HIS A 213 5.89 28.03 7.71
C HIS A 213 5.94 29.13 8.75
N LEU A 214 7.15 29.58 9.05
CA LEU A 214 7.38 30.51 10.15
C LEU A 214 8.01 31.79 9.60
N GLY A 215 8.05 31.89 8.27
CA GLY A 215 8.43 33.12 7.60
C GLY A 215 9.83 33.24 7.03
N PHE A 216 10.66 32.21 7.24
CA PHE A 216 12.06 32.26 6.84
C PHE A 216 12.28 31.61 5.48
N GLN A 217 13.21 32.16 4.70
CA GLN A 217 13.37 31.72 3.32
C GLN A 217 14.70 31.01 3.03
N SER A 218 15.52 30.86 4.08
CA SER A 218 16.76 30.09 3.99
C SER A 218 17.15 29.56 5.34
N ALA A 219 18.10 28.62 5.35
CA ALA A 219 18.60 28.02 6.57
C ALA A 219 19.24 29.04 7.50
N GLU A 220 20.05 29.93 6.95
CA GLU A 220 20.78 30.92 7.75
C GLU A 220 19.80 31.85 8.44
N GLU A 221 18.81 32.29 7.67
CA GLU A 221 17.74 33.16 8.13
C GLU A 221 16.97 32.51 9.28
N ALA A 222 16.60 31.24 9.10
CA ALA A 222 15.84 30.53 10.11
C ALA A 222 16.66 30.34 11.38
N LEU A 223 17.94 30.01 11.22
CA LEU A 223 18.83 29.87 12.37
C LEU A 223 18.96 31.16 13.19
N ARG A 224 19.19 32.28 12.51
CA ARG A 224 19.28 33.59 13.18
C ARG A 224 17.98 33.97 13.86
N GLY A 225 16.86 33.58 13.24
CA GLY A 225 15.55 33.98 13.72
C GLY A 225 14.97 33.06 14.78
N LEU A 226 15.56 31.88 14.96
CA LEU A 226 15.02 30.91 15.91
C LEU A 226 15.99 30.61 17.03
N TYR A 227 17.20 31.17 16.98
CA TYR A 227 18.17 30.79 17.99
C TYR A 227 17.74 31.19 19.40
N GLY A 228 16.98 32.29 19.50
CA GLY A 228 16.49 32.75 20.78
C GLY A 228 15.64 31.72 21.54
N ARG A 229 15.16 30.71 20.85
CA ARG A 229 14.25 29.76 21.46
C ARG A 229 14.94 28.56 22.09
N VAL A 230 16.24 28.39 21.85
CA VAL A 230 16.90 27.19 22.32
C VAL A 230 17.54 27.33 23.70
N ARG A 231 17.49 26.24 24.45
CA ARG A 231 18.20 26.13 25.71
C ARG A 231 19.60 26.72 25.57
N LYS A 232 20.11 27.35 26.63
CA LYS A 232 21.44 27.95 26.60
C LYS A 232 22.52 26.91 26.30
N GLY A 233 23.40 27.25 25.35
CA GLY A 233 24.51 26.37 24.98
C GLY A 233 24.19 25.32 23.90
N ALA A 234 23.00 25.41 23.32
CA ALA A 234 22.54 24.41 22.36
C ALA A 234 22.97 24.74 20.94
N VAL A 235 22.97 23.73 20.09
CA VAL A 235 23.22 23.93 18.66
C VAL A 235 21.92 23.78 17.89
N LEU A 236 21.56 24.80 17.12
CA LEU A 236 20.38 24.76 16.26
C LEU A 236 20.79 24.27 14.87
N VAL A 237 20.14 23.23 14.36
CA VAL A 237 20.51 22.67 13.07
C VAL A 237 19.35 22.69 12.07
N CYS A 238 19.60 23.20 10.87
CA CYS A 238 18.56 23.24 9.88
C CYS A 238 19.04 22.77 8.51
N ALA A 239 18.53 21.63 8.04
CA ALA A 239 18.89 21.13 6.72
C ALA A 239 17.99 21.77 5.68
N TRP A 240 18.50 21.92 4.46
CA TRP A 240 17.74 22.62 3.43
C TRP A 240 17.89 21.95 2.07
N ALA A 241 17.81 20.61 2.05
CA ALA A 241 17.84 19.82 0.84
C ALA A 241 19.09 20.12 -0.02
N GLU A 242 18.88 20.42 -1.30
CA GLU A 242 20.00 20.55 -2.21
C GLU A 242 20.81 21.79 -1.89
N GLU A 243 20.28 22.58 -0.96
CA GLU A 243 20.96 23.77 -0.46
C GLU A 243 21.95 23.44 0.67
N GLY A 244 22.13 22.16 0.99
CA GLY A 244 22.95 21.78 2.11
C GLY A 244 22.31 22.09 3.46
N ALA A 245 23.12 22.21 4.50
CA ALA A 245 22.63 22.44 5.85
C ALA A 245 23.49 23.49 6.56
N ASP A 246 22.89 24.14 7.56
CA ASP A 246 23.55 25.14 8.39
C ASP A 246 23.37 24.78 9.85
N ALA A 247 24.33 25.15 10.69
CA ALA A 247 24.20 24.98 12.14
C ALA A 247 24.61 26.28 12.83
N LEU A 248 24.16 26.47 14.07
CA LEU A 248 24.50 27.68 14.80
C LEU A 248 24.59 27.38 16.30
N GLY A 249 25.76 27.62 16.89
CA GLY A 249 25.98 27.32 18.30
C GLY A 249 26.05 28.57 19.16
N PRO A 250 26.42 28.41 20.43
CA PRO A 250 26.49 29.52 21.39
C PRO A 250 27.42 30.65 20.91
N ASP A 251 28.52 30.31 20.26
CA ASP A 251 29.53 31.30 19.86
C ASP A 251 29.06 32.27 18.77
N GLY A 252 27.84 32.07 18.29
CA GLY A 252 27.27 33.00 17.33
C GLY A 252 27.77 32.79 15.91
N LYS A 253 28.65 31.81 15.71
CA LYS A 253 29.21 31.57 14.37
C LYS A 253 28.38 30.60 13.55
N LEU A 254 27.86 31.11 12.44
CA LEU A 254 27.10 30.32 11.49
C LEU A 254 28.00 29.31 10.77
N LEU A 255 27.65 28.03 10.88
CA LEU A 255 28.33 27.00 10.13
C LEU A 255 27.49 26.54 8.94
N HIS A 256 28.16 26.27 7.81
CA HIS A 256 27.48 25.77 6.64
C HIS A 256 28.14 24.55 6.02
N SER A 257 27.34 23.67 5.42
CA SER A 257 27.87 22.58 4.62
C SER A 257 27.15 22.46 3.30
N ASP A 258 27.90 22.43 2.21
CA ASP A 258 27.25 22.14 0.94
C ASP A 258 26.68 20.74 1.00
N ALA A 259 25.64 20.50 0.20
CA ALA A 259 25.04 19.19 0.02
C ALA A 259 26.01 18.26 -0.73
N PHE A 260 25.75 16.96 -0.67
CA PHE A 260 26.45 16.01 -1.55
C PHE A 260 25.46 15.30 -2.50
N PRO A 261 24.90 16.01 -3.47
CA PRO A 261 23.93 15.37 -4.37
C PRO A 261 24.51 14.21 -5.19
N PRO A 262 23.82 13.07 -5.18
CA PRO A 262 24.19 11.99 -6.09
C PRO A 262 23.89 12.45 -7.52
N PRO A 263 24.69 12.02 -8.48
CA PRO A 263 24.42 12.46 -9.85
C PRO A 263 22.98 12.12 -10.27
N ARG A 264 22.51 10.93 -9.91
CA ARG A 264 21.10 10.56 -10.08
C ARG A 264 20.37 10.45 -8.73
N VAL A 265 19.54 11.43 -8.42
CA VAL A 265 18.64 11.34 -7.28
C VAL A 265 17.46 10.40 -7.60
N VAL A 266 17.36 9.28 -6.88
CA VAL A 266 16.33 8.28 -7.14
C VAL A 266 15.30 8.07 -5.99
N ASP A 267 15.64 8.45 -4.75
CA ASP A 267 14.80 8.14 -3.58
C ASP A 267 15.16 8.96 -2.34
N THR A 268 14.44 10.05 -2.11
CA THR A 268 14.66 10.90 -0.96
C THR A 268 13.85 10.56 0.28
N LEU A 269 13.12 9.43 0.25
CA LEU A 269 12.34 9.03 1.42
C LEU A 269 13.26 8.66 2.59
N GLY A 270 13.13 9.37 3.70
CA GLY A 270 14.05 9.16 4.81
C GLY A 270 15.39 9.87 4.70
N ALA A 271 15.55 10.80 3.76
CA ALA A 271 16.80 11.58 3.68
C ALA A 271 17.06 12.44 4.93
N GLY A 272 16.05 13.16 5.40
CA GLY A 272 16.14 13.94 6.61
C GLY A 272 16.44 13.11 7.84
N ASP A 273 15.88 11.91 7.91
CA ASP A 273 16.15 11.02 9.02
C ASP A 273 17.58 10.49 8.96
N THR A 274 18.08 10.29 7.74
CA THR A 274 19.46 9.92 7.52
C THR A 274 20.38 11.09 7.95
N PHE A 275 19.98 12.31 7.63
CA PHE A 275 20.77 13.47 8.00
C PHE A 275 20.84 13.60 9.53
N ASN A 276 19.69 13.57 10.20
CA ASN A 276 19.67 13.66 11.67
C ASN A 276 20.53 12.57 12.31
N ALA A 277 20.35 11.34 11.84
CA ALA A 277 21.04 10.21 12.44
C ALA A 277 22.54 10.41 12.31
N SER A 278 22.96 10.80 11.11
CA SER A 278 24.35 10.98 10.78
C SER A 278 25.02 12.15 11.54
N VAL A 279 24.28 13.24 11.76
CA VAL A 279 24.78 14.35 12.58
C VAL A 279 24.96 13.89 14.03
N ILE A 280 24.01 13.12 14.53
CA ILE A 280 24.03 12.64 15.90
C ILE A 280 25.20 11.68 16.10
N PHE A 281 25.32 10.71 15.21
CA PHE A 281 26.40 9.74 15.29
C PHE A 281 27.75 10.46 15.35
N SER A 282 27.90 11.44 14.47
CA SER A 282 29.14 12.14 14.33
C SER A 282 29.47 12.91 15.62
N LEU A 283 28.51 13.68 16.10
CA LEU A 283 28.63 14.36 17.38
C LEU A 283 28.93 13.39 18.53
N SER A 284 28.16 12.31 18.62
CA SER A 284 28.33 11.31 19.66
C SER A 284 29.73 10.68 19.63
N GLN A 285 30.44 10.84 18.52
CA GLN A 285 31.80 10.33 18.38
C GLN A 285 32.85 11.40 18.67
N GLY A 286 32.40 12.56 19.12
CA GLY A 286 33.32 13.60 19.52
C GLY A 286 33.75 14.58 18.44
N ARG A 287 33.24 14.42 17.22
CA ARG A 287 33.63 15.32 16.12
C ARG A 287 33.03 16.71 16.34
N SER A 288 33.57 17.72 15.65
CA SER A 288 33.03 19.07 15.76
C SER A 288 31.69 19.20 15.05
N VAL A 289 31.00 20.30 15.30
CA VAL A 289 29.74 20.60 14.64
C VAL A 289 29.92 20.83 13.12
N GLN A 290 31.02 21.47 12.73
CA GLN A 290 31.37 21.64 11.31
C GLN A 290 31.39 20.24 10.67
N GLU A 291 32.18 19.35 11.27
CA GLU A 291 32.40 18.03 10.71
C GLU A 291 31.12 17.21 10.65
N ALA A 292 30.33 17.27 11.72
CA ALA A 292 29.08 16.53 11.79
C ALA A 292 28.07 17.02 10.75
N LEU A 293 27.97 18.34 10.56
CA LEU A 293 27.11 18.93 9.53
C LEU A 293 27.43 18.32 8.16
N ARG A 294 28.72 18.29 7.87
CA ARG A 294 29.28 17.73 6.65
C ARG A 294 28.95 16.24 6.49
N PHE A 295 29.06 15.50 7.58
CA PHE A 295 28.90 14.06 7.53
C PHE A 295 27.44 13.81 7.31
N GLY A 296 26.62 14.54 8.06
CA GLY A 296 25.18 14.58 7.81
C GLY A 296 24.84 14.68 6.34
N CYS A 297 25.39 15.69 5.66
CA CYS A 297 25.04 15.94 4.27
C CYS A 297 25.59 14.85 3.41
N GLN A 298 26.78 14.37 3.77
CA GLN A 298 27.48 13.37 2.97
C GLN A 298 26.67 12.08 2.89
N VAL A 299 26.14 11.67 4.03
CA VAL A 299 25.47 10.39 4.15
C VAL A 299 24.05 10.51 3.57
N ALA A 300 23.34 11.58 3.95
CA ALA A 300 22.04 11.86 3.37
C ALA A 300 22.10 11.84 1.85
N GLY A 301 23.20 12.38 1.31
CA GLY A 301 23.36 12.52 -0.12
C GLY A 301 23.58 11.18 -0.75
N LYS A 302 24.41 10.35 -0.14
CA LYS A 302 24.61 9.02 -0.66
C LYS A 302 23.30 8.22 -0.68
N LYS A 303 22.55 8.31 0.42
CA LYS A 303 21.24 7.68 0.52
C LYS A 303 20.30 8.04 -0.64
N CYS A 304 20.27 9.33 -1.03
CA CYS A 304 19.39 9.79 -2.09
C CYS A 304 19.70 9.20 -3.46
N GLY A 305 20.89 8.63 -3.62
CA GLY A 305 21.26 7.96 -4.84
C GLY A 305 20.90 6.49 -4.82
N LEU A 306 20.16 6.05 -3.80
CA LEU A 306 19.83 4.63 -3.62
C LEU A 306 18.39 4.43 -3.17
N GLN A 307 17.85 3.24 -3.47
CA GLN A 307 16.55 2.84 -2.92
C GLN A 307 16.78 2.27 -1.51
N GLY A 308 16.02 2.74 -0.54
CA GLY A 308 16.20 2.29 0.83
C GLY A 308 17.48 2.78 1.50
N PHE A 309 17.99 2.00 2.45
CA PHE A 309 19.09 2.48 3.29
C PHE A 309 20.36 1.66 3.13
N ASP A 310 20.22 0.43 2.69
CA ASP A 310 21.36 -0.40 2.32
C ASP A 310 22.24 0.29 1.29
N GLY A 311 23.53 0.26 1.54
CA GLY A 311 24.45 0.82 0.58
C GLY A 311 24.97 2.19 0.98
N ILE A 312 24.40 2.80 2.02
CA ILE A 312 24.94 4.09 2.48
C ILE A 312 26.31 3.95 3.14
N VAL A 313 26.64 2.74 3.58
CA VAL A 313 27.94 2.46 4.17
C VAL A 313 28.62 1.31 3.42
N GLY B 13 -7.99 -30.29 2.57
CA GLY B 13 -9.04 -31.26 2.82
C GLY B 13 -9.69 -31.85 1.55
N LEU B 14 -10.61 -32.79 1.74
CA LEU B 14 -11.27 -33.46 0.63
C LEU B 14 -12.35 -32.59 0.01
N VAL B 15 -12.20 -32.30 -1.28
CA VAL B 15 -13.22 -31.61 -2.04
C VAL B 15 -13.97 -32.60 -2.91
N PRO B 16 -15.28 -32.78 -2.67
CA PRO B 16 -16.02 -33.73 -3.52
C PRO B 16 -15.90 -33.42 -5.02
N ARG B 17 -15.83 -34.46 -5.83
CA ARG B 17 -15.81 -34.33 -7.29
C ARG B 17 -16.93 -33.40 -7.79
N GLY B 18 -16.60 -32.52 -8.71
CA GLY B 18 -17.61 -31.68 -9.35
C GLY B 18 -18.43 -30.81 -8.42
N SER B 19 -17.83 -30.28 -7.36
CA SER B 19 -18.59 -29.45 -6.42
C SER B 19 -18.21 -27.97 -6.45
N GLN B 20 -17.07 -27.65 -7.04
CA GLN B 20 -16.51 -26.30 -6.91
C GLN B 20 -16.60 -25.49 -8.20
N ILE B 21 -16.73 -24.18 -8.03
CA ILE B 21 -16.61 -23.24 -9.12
C ILE B 21 -15.25 -22.56 -9.01
N LEU B 22 -14.47 -22.60 -10.07
CA LEU B 22 -13.14 -22.03 -10.08
C LEU B 22 -13.13 -20.73 -10.86
N CYS B 23 -12.51 -19.71 -10.29
CA CYS B 23 -12.26 -18.47 -11.01
C CYS B 23 -10.76 -18.25 -11.11
N VAL B 24 -10.30 -17.95 -12.33
CA VAL B 24 -8.89 -17.77 -12.63
C VAL B 24 -8.68 -16.34 -13.01
N GLY B 25 -7.77 -15.66 -12.32
CA GLY B 25 -7.52 -14.27 -12.65
C GLY B 25 -6.67 -13.53 -11.63
N LEU B 26 -6.85 -12.21 -11.58
CA LEU B 26 -6.07 -11.33 -10.74
C LEU B 26 -6.59 -11.27 -9.31
N VAL B 27 -5.69 -11.36 -8.33
CA VAL B 27 -5.98 -10.78 -7.03
C VAL B 27 -4.97 -9.67 -6.74
N VAL B 28 -5.45 -8.57 -6.17
CA VAL B 28 -4.58 -7.42 -5.89
C VAL B 28 -4.95 -6.82 -4.53
N LEU B 29 -3.95 -6.32 -3.80
CA LEU B 29 -4.18 -5.60 -2.56
C LEU B 29 -4.40 -4.13 -2.93
N ASP B 30 -5.59 -3.61 -2.66
CA ASP B 30 -5.90 -2.21 -2.94
C ASP B 30 -5.80 -1.40 -1.65
N VAL B 31 -5.00 -0.34 -1.68
CA VAL B 31 -4.90 0.55 -0.54
C VAL B 31 -5.61 1.84 -0.90
N ILE B 32 -6.68 2.14 -0.16
CA ILE B 32 -7.58 3.22 -0.55
C ILE B 32 -7.56 4.30 0.51
N SER B 33 -7.15 5.50 0.11
CA SER B 33 -7.02 6.64 1.02
C SER B 33 -7.94 7.80 0.62
N LEU B 34 -8.79 8.20 1.55
CA LEU B 34 -9.62 9.38 1.36
C LEU B 34 -8.87 10.59 1.92
N VAL B 35 -8.74 11.63 1.10
CA VAL B 35 -7.99 12.83 1.49
C VAL B 35 -8.81 14.09 1.30
N ASP B 36 -8.44 15.14 2.04
CA ASP B 36 -9.05 16.46 1.92
C ASP B 36 -8.80 17.04 0.54
N LYS B 37 -7.52 17.29 0.26
CA LYS B 37 -7.11 17.81 -1.04
C LYS B 37 -6.07 16.89 -1.62
N TYR B 38 -6.00 16.88 -2.95
CA TYR B 38 -4.99 16.10 -3.65
C TYR B 38 -3.57 16.55 -3.26
N PRO B 39 -2.72 15.60 -2.84
CA PRO B 39 -1.36 15.87 -2.37
C PRO B 39 -0.45 16.50 -3.43
N LYS B 40 0.23 17.58 -3.06
CA LYS B 40 1.26 18.16 -3.92
C LYS B 40 2.49 17.27 -3.82
N GLU B 41 3.15 17.05 -4.94
CA GLU B 41 4.37 16.22 -4.95
C GLU B 41 5.39 16.73 -3.91
N ASP B 42 6.06 15.79 -3.24
CA ASP B 42 7.06 16.09 -2.20
C ASP B 42 6.49 16.52 -0.85
N SER B 43 5.17 16.38 -0.68
CA SER B 43 4.54 16.75 0.59
C SER B 43 4.12 15.53 1.44
N GLU B 44 3.91 15.77 2.72
CA GLU B 44 3.43 14.74 3.64
C GLU B 44 2.06 15.16 4.12
N ILE B 45 1.07 14.29 3.96
CA ILE B 45 -0.27 14.59 4.45
C ILE B 45 -0.85 13.42 5.23
N ARG B 46 -1.79 13.71 6.11
CA ARG B 46 -2.55 12.68 6.78
C ARG B 46 -3.79 12.46 5.94
N CYS B 47 -4.28 11.23 5.90
CA CYS B 47 -5.54 10.98 5.22
C CYS B 47 -6.69 11.03 6.25
N LEU B 48 -7.91 11.14 5.74
CA LEU B 48 -9.10 11.07 6.59
C LEU B 48 -9.38 9.62 7.02
N SER B 49 -9.26 8.70 6.07
CA SER B 49 -9.40 7.26 6.32
C SER B 49 -8.64 6.43 5.27
N GLN B 50 -8.40 5.17 5.60
CA GLN B 50 -7.62 4.27 4.74
C GLN B 50 -8.05 2.82 4.91
N ARG B 51 -8.29 2.14 3.79
CA ARG B 51 -8.71 0.75 3.80
C ARG B 51 -7.72 -0.09 3.02
N TRP B 52 -7.43 -1.29 3.51
CA TRP B 52 -6.77 -2.30 2.72
C TRP B 52 -7.86 -3.28 2.31
N GLN B 53 -7.93 -3.56 1.01
CA GLN B 53 -8.95 -4.42 0.45
C GLN B 53 -8.36 -5.40 -0.53
N ARG B 54 -8.95 -6.57 -0.59
CA ARG B 54 -8.64 -7.50 -1.65
C ARG B 54 -9.45 -7.08 -2.86
N GLY B 55 -8.78 -6.85 -3.98
CA GLY B 55 -9.44 -6.49 -5.22
C GLY B 55 -9.10 -7.48 -6.30
N GLY B 56 -9.50 -7.16 -7.53
CA GLY B 56 -9.26 -8.04 -8.66
C GLY B 56 -10.53 -8.75 -9.06
N ASN B 57 -10.76 -8.87 -10.37
CA ASN B 57 -12.02 -9.40 -10.92
C ASN B 57 -12.37 -10.80 -10.47
N ALA B 58 -11.49 -11.76 -10.74
CA ALA B 58 -11.78 -13.15 -10.36
C ALA B 58 -11.86 -13.22 -8.84
N SER B 59 -10.99 -12.44 -8.19
CA SER B 59 -10.96 -12.38 -6.73
C SER B 59 -12.34 -11.96 -6.19
N ASN B 60 -12.89 -10.87 -6.71
CA ASN B 60 -14.19 -10.38 -6.27
C ASN B 60 -15.30 -11.38 -6.54
N SER B 61 -15.27 -12.02 -7.71
CA SER B 61 -16.31 -13.02 -8.02
C SER B 61 -16.25 -14.18 -7.05
N CYS B 62 -15.04 -14.58 -6.66
CA CYS B 62 -14.92 -15.65 -5.68
C CYS B 62 -15.66 -15.29 -4.41
N THR B 63 -15.49 -14.05 -3.96
CA THR B 63 -16.14 -13.61 -2.72
C THR B 63 -17.65 -13.76 -2.89
N VAL B 64 -18.16 -13.26 -4.01
CA VAL B 64 -19.60 -13.27 -4.26
C VAL B 64 -20.16 -14.71 -4.32
N LEU B 65 -19.42 -15.60 -4.98
CA LEU B 65 -19.79 -17.04 -5.01
C LEU B 65 -19.90 -17.66 -3.61
N SER B 66 -18.98 -17.30 -2.73
CA SER B 66 -19.01 -17.79 -1.36
C SER B 66 -20.22 -17.29 -0.58
N LEU B 67 -20.54 -16.01 -0.74
CA LEU B 67 -21.72 -15.46 -0.06
C LEU B 67 -23.02 -15.99 -0.66
N LEU B 68 -23.01 -16.31 -1.96
CA LEU B 68 -24.17 -16.98 -2.58
C LEU B 68 -24.35 -18.42 -2.07
N GLY B 69 -23.29 -19.00 -1.53
CA GLY B 69 -23.39 -20.36 -1.01
C GLY B 69 -22.74 -21.44 -1.88
N ALA B 70 -21.89 -21.04 -2.82
CA ALA B 70 -21.17 -22.00 -3.65
C ALA B 70 -19.80 -22.29 -3.09
N PRO B 71 -19.40 -23.58 -3.05
CA PRO B 71 -17.97 -23.85 -2.79
C PRO B 71 -17.21 -23.24 -3.95
N CYS B 72 -16.18 -22.46 -3.66
CA CYS B 72 -15.46 -21.86 -4.74
C CYS B 72 -13.99 -21.73 -4.47
N ALA B 73 -13.24 -21.65 -5.55
CA ALA B 73 -11.79 -21.72 -5.49
C ALA B 73 -11.25 -20.61 -6.36
N PHE B 74 -10.13 -20.06 -5.96
CA PHE B 74 -9.46 -19.05 -6.74
C PHE B 74 -8.13 -19.59 -7.27
N MET B 75 -7.89 -19.37 -8.56
CA MET B 75 -6.57 -19.58 -9.13
C MET B 75 -5.98 -18.30 -9.73
N GLY B 76 -4.87 -17.85 -9.18
CA GLY B 76 -4.17 -16.69 -9.71
C GLY B 76 -2.75 -16.71 -9.16
N SER B 77 -1.92 -15.77 -9.59
CA SER B 77 -0.53 -15.73 -9.14
C SER B 77 -0.34 -14.88 -7.89
N MET B 78 0.49 -15.38 -6.99
CA MET B 78 1.00 -14.61 -5.85
C MET B 78 2.45 -15.01 -5.53
N ALA B 79 3.21 -14.07 -5.01
CA ALA B 79 4.56 -14.32 -4.49
C ALA B 79 4.48 -14.38 -2.98
N PRO B 80 5.19 -15.33 -2.36
CA PRO B 80 5.19 -15.41 -0.89
C PRO B 80 5.67 -14.09 -0.29
N GLY B 81 5.08 -13.71 0.83
CA GLY B 81 5.41 -12.43 1.42
C GLY B 81 4.20 -11.89 2.18
N HIS B 82 4.32 -10.68 2.70
CA HIS B 82 3.28 -10.13 3.55
C HIS B 82 2.01 -9.65 2.81
N VAL B 83 2.17 -9.15 1.59
CA VAL B 83 1.01 -8.81 0.77
C VAL B 83 0.16 -10.09 0.56
N ALA B 84 0.81 -11.16 0.09
CA ALA B 84 0.16 -12.45 -0.09
C ALA B 84 -0.58 -12.91 1.16
N ASP B 85 0.02 -12.68 2.32
CA ASP B 85 -0.55 -13.13 3.58
C ASP B 85 -1.87 -12.42 3.91
N PHE B 86 -1.87 -11.11 3.74
CA PHE B 86 -3.07 -10.34 3.95
C PHE B 86 -4.14 -10.82 2.98
N LEU B 87 -3.74 -11.04 1.73
CA LEU B 87 -4.68 -11.46 0.68
C LEU B 87 -5.24 -12.86 0.92
N VAL B 88 -4.39 -13.80 1.33
CA VAL B 88 -4.87 -15.15 1.66
C VAL B 88 -5.82 -15.11 2.85
N ALA B 89 -5.44 -14.37 3.89
CA ALA B 89 -6.29 -14.27 5.07
C ALA B 89 -7.63 -13.65 4.68
N ASP B 90 -7.62 -12.60 3.87
CA ASP B 90 -8.89 -12.07 3.38
C ASP B 90 -9.68 -13.08 2.52
N PHE B 91 -8.99 -13.81 1.64
CA PHE B 91 -9.64 -14.87 0.87
C PHE B 91 -10.34 -15.82 1.82
N ARG B 92 -9.61 -16.27 2.84
CA ARG B 92 -10.18 -17.22 3.80
C ARG B 92 -11.31 -16.62 4.67
N ARG B 93 -11.17 -15.36 5.04
CA ARG B 93 -12.28 -14.64 5.69
C ARG B 93 -13.61 -14.80 4.92
N ARG B 94 -13.52 -14.82 3.59
CA ARG B 94 -14.68 -15.00 2.70
C ARG B 94 -14.90 -16.46 2.26
N GLY B 95 -14.29 -17.40 2.97
CA GLY B 95 -14.46 -18.82 2.70
C GLY B 95 -14.04 -19.30 1.31
N VAL B 96 -13.10 -18.59 0.70
CA VAL B 96 -12.57 -18.98 -0.61
C VAL B 96 -11.42 -19.99 -0.50
N ASP B 97 -11.46 -21.03 -1.32
CA ASP B 97 -10.40 -22.04 -1.37
C ASP B 97 -9.19 -21.48 -2.15
N VAL B 98 -8.02 -21.42 -1.52
CA VAL B 98 -6.84 -20.86 -2.20
C VAL B 98 -5.74 -21.89 -2.53
N SER B 99 -6.06 -23.16 -2.34
CA SER B 99 -5.14 -24.25 -2.64
C SER B 99 -4.57 -24.29 -4.07
N GLN B 100 -5.26 -23.67 -5.03
CA GLN B 100 -4.84 -23.71 -6.44
C GLN B 100 -4.00 -22.53 -6.84
N VAL B 101 -3.72 -21.65 -5.89
CA VAL B 101 -2.90 -20.47 -6.19
C VAL B 101 -1.56 -20.88 -6.79
N ALA B 102 -1.11 -20.12 -7.79
CA ALA B 102 0.17 -20.40 -8.42
C ALA B 102 1.27 -19.54 -7.80
N TRP B 103 1.99 -20.12 -6.85
CA TRP B 103 3.06 -19.37 -6.20
C TRP B 103 4.29 -19.15 -7.10
N GLN B 104 4.73 -17.89 -7.15
CA GLN B 104 5.84 -17.46 -7.99
C GLN B 104 7.12 -17.23 -7.19
N SER B 105 8.27 -17.36 -7.84
CA SER B 105 9.55 -17.09 -7.19
C SER B 105 10.07 -15.73 -7.64
N LYS B 106 9.33 -15.10 -8.54
CA LYS B 106 9.76 -13.84 -9.10
C LYS B 106 8.59 -12.85 -9.15
N GLY B 107 8.86 -11.59 -8.84
CA GLY B 107 7.87 -10.53 -8.95
C GLY B 107 7.14 -10.18 -7.65
N ASP B 108 6.38 -9.08 -7.70
CA ASP B 108 5.57 -8.62 -6.57
C ASP B 108 4.16 -9.18 -6.61
N THR B 109 3.62 -9.56 -5.45
CA THR B 109 2.18 -9.73 -5.38
C THR B 109 1.58 -8.37 -5.63
N PRO B 110 0.60 -8.30 -6.54
CA PRO B 110 0.00 -7.02 -6.97
C PRO B 110 -0.59 -6.21 -5.81
N SER B 111 -0.24 -4.92 -5.79
CA SER B 111 -0.77 -4.01 -4.80
C SER B 111 -0.99 -2.68 -5.51
N SER B 112 -2.04 -1.96 -5.14
CA SER B 112 -2.33 -0.69 -5.81
C SER B 112 -2.65 0.32 -4.77
N CYS B 113 -2.36 1.57 -5.09
CA CYS B 113 -2.69 2.65 -4.19
C CYS B 113 -3.65 3.64 -4.82
N CYS B 114 -4.76 3.87 -4.14
CA CYS B 114 -5.77 4.77 -4.68
C CYS B 114 -6.01 5.95 -3.74
N ILE B 115 -6.11 7.14 -4.31
CA ILE B 115 -6.41 8.33 -3.53
C ILE B 115 -7.75 8.89 -3.97
N ILE B 116 -8.69 8.96 -3.03
CA ILE B 116 -10.00 9.53 -3.30
C ILE B 116 -10.10 10.94 -2.72
N ASN B 117 -10.13 11.94 -3.60
CA ASN B 117 -10.28 13.33 -3.19
C ASN B 117 -11.68 13.54 -2.65
N ASN B 118 -11.78 13.72 -1.33
CA ASN B 118 -13.07 13.87 -0.65
C ASN B 118 -13.93 15.02 -1.19
N SER B 119 -13.29 16.08 -1.66
CA SER B 119 -13.97 17.30 -2.06
C SER B 119 -14.23 17.40 -3.57
N ASN B 120 -14.56 16.27 -4.20
CA ASN B 120 -15.00 16.25 -5.59
C ASN B 120 -15.16 14.83 -6.12
N GLY B 121 -14.76 13.85 -5.31
CA GLY B 121 -14.93 12.45 -5.63
C GLY B 121 -13.89 11.83 -6.56
N ASN B 122 -12.96 12.66 -7.03
CA ASN B 122 -11.92 12.20 -7.96
C ASN B 122 -11.09 11.02 -7.44
N ARG B 123 -10.76 10.11 -8.34
CA ARG B 123 -9.96 8.95 -8.00
C ARG B 123 -8.64 9.00 -8.74
N THR B 124 -7.54 9.04 -8.01
CA THR B 124 -6.23 8.90 -8.62
C THR B 124 -5.60 7.56 -8.20
N ILE B 125 -5.12 6.80 -9.17
CA ILE B 125 -4.69 5.42 -8.92
C ILE B 125 -3.29 5.11 -9.46
N VAL B 126 -2.43 4.61 -8.57
CA VAL B 126 -1.14 4.04 -8.95
C VAL B 126 -1.37 2.54 -8.99
N LEU B 127 -1.40 2.00 -10.21
CA LEU B 127 -1.79 0.61 -10.44
C LEU B 127 -0.62 -0.31 -10.14
N HIS B 128 -0.90 -1.56 -9.83
CA HIS B 128 0.14 -2.52 -9.48
C HIS B 128 1.18 -2.59 -10.60
N ASP B 129 2.41 -2.97 -10.25
CA ASP B 129 3.43 -3.13 -11.28
C ASP B 129 3.22 -4.41 -12.07
N THR B 130 4.16 -4.70 -12.96
CA THR B 130 3.96 -5.72 -13.97
C THR B 130 4.89 -6.92 -13.82
N SER B 131 5.53 -7.03 -12.65
CA SER B 131 6.61 -7.99 -12.43
C SER B 131 6.19 -9.45 -12.18
N LEU B 132 4.94 -9.66 -11.77
CA LEU B 132 4.49 -11.00 -11.44
C LEU B 132 4.01 -11.71 -12.70
N PRO B 133 4.50 -12.92 -12.95
CA PRO B 133 4.01 -13.66 -14.12
C PRO B 133 2.55 -14.04 -13.95
N ASP B 134 1.76 -13.93 -15.00
CA ASP B 134 0.39 -14.44 -14.99
C ASP B 134 0.40 -15.96 -14.87
N VAL B 135 -0.74 -16.54 -14.54
CA VAL B 135 -0.87 -18.00 -14.55
C VAL B 135 -0.61 -18.53 -15.95
N SER B 136 0.18 -19.61 -16.05
CA SER B 136 0.55 -20.15 -17.35
C SER B 136 -0.19 -21.44 -17.66
N ALA B 137 -0.16 -21.81 -18.92
CA ALA B 137 -0.77 -23.05 -19.35
C ALA B 137 -0.10 -24.20 -18.64
N THR B 138 1.21 -24.10 -18.39
CA THR B 138 1.88 -25.18 -17.66
C THR B 138 1.44 -25.24 -16.19
N ASP B 139 1.27 -24.08 -15.54
CA ASP B 139 0.70 -24.09 -14.19
C ASP B 139 -0.66 -24.77 -14.23
N PHE B 140 -1.46 -24.44 -15.24
CA PHE B 140 -2.81 -25.00 -15.32
C PHE B 140 -2.85 -26.52 -15.58
N GLU B 141 -1.97 -27.02 -16.44
CA GLU B 141 -1.86 -28.47 -16.67
C GLU B 141 -1.75 -29.26 -15.38
N LYS B 142 -1.09 -28.68 -14.38
CA LYS B 142 -0.85 -29.31 -13.08
C LYS B 142 -2.10 -29.48 -12.22
N VAL B 143 -3.18 -28.82 -12.61
CA VAL B 143 -4.40 -28.89 -11.83
C VAL B 143 -5.31 -30.06 -12.21
N ASP B 144 -5.70 -30.83 -11.20
CA ASP B 144 -6.70 -31.87 -11.36
C ASP B 144 -8.09 -31.22 -11.42
N LEU B 145 -8.70 -31.28 -12.60
CA LEU B 145 -9.98 -30.63 -12.88
C LEU B 145 -11.22 -31.25 -12.24
N THR B 146 -11.15 -32.51 -11.79
CA THR B 146 -12.35 -33.24 -11.36
C THR B 146 -13.17 -32.59 -10.23
N GLN B 147 -12.53 -31.69 -9.49
CA GLN B 147 -13.08 -30.98 -8.34
C GLN B 147 -14.14 -29.97 -8.78
N PHE B 148 -14.01 -29.53 -10.03
CA PHE B 148 -14.71 -28.35 -10.53
C PHE B 148 -15.89 -28.66 -11.42
N LYS B 149 -17.01 -27.97 -11.20
CA LYS B 149 -18.19 -28.14 -12.04
C LYS B 149 -18.26 -27.01 -13.06
N TRP B 150 -17.55 -25.92 -12.77
CA TRP B 150 -17.61 -24.70 -13.58
C TRP B 150 -16.26 -23.99 -13.45
N ILE B 151 -15.69 -23.56 -14.56
CA ILE B 151 -14.44 -22.86 -14.51
C ILE B 151 -14.61 -21.56 -15.26
N HIS B 152 -14.30 -20.45 -14.59
CA HIS B 152 -14.49 -19.14 -15.15
C HIS B 152 -13.16 -18.41 -15.24
N ILE B 153 -12.88 -17.82 -16.39
CA ILE B 153 -11.58 -17.27 -16.66
C ILE B 153 -11.65 -15.80 -17.01
N GLU B 154 -11.04 -14.98 -16.17
CA GLU B 154 -10.89 -13.57 -16.46
C GLU B 154 -9.80 -13.37 -17.50
N GLY B 155 -10.18 -12.84 -18.66
CA GLY B 155 -9.27 -12.63 -19.77
C GLY B 155 -8.07 -11.74 -19.47
N ARG B 156 -6.89 -12.32 -19.50
CA ARG B 156 -5.69 -11.55 -19.22
C ARG B 156 -4.60 -11.89 -20.22
N ASN B 157 -3.85 -12.94 -19.93
CA ASN B 157 -2.78 -13.37 -20.82
C ASN B 157 -3.33 -14.41 -21.80
N ALA B 158 -3.89 -13.90 -22.91
CA ALA B 158 -4.80 -14.71 -23.74
C ALA B 158 -4.24 -15.98 -24.40
N SER B 159 -3.06 -15.89 -24.99
CA SER B 159 -2.51 -17.04 -25.72
C SER B 159 -2.39 -18.23 -24.78
N GLU B 160 -1.91 -17.95 -23.57
CA GLU B 160 -1.85 -18.97 -22.52
C GLU B 160 -3.22 -19.49 -22.10
N GLN B 161 -4.17 -18.58 -21.93
CA GLN B 161 -5.49 -18.96 -21.45
C GLN B 161 -6.24 -19.79 -22.50
N VAL B 162 -5.92 -19.56 -23.76
CA VAL B 162 -6.46 -20.39 -24.84
C VAL B 162 -6.08 -21.87 -24.65
N LYS B 163 -4.83 -22.14 -24.30
CA LYS B 163 -4.41 -23.51 -24.04
C LYS B 163 -5.14 -24.09 -22.84
N MET B 164 -5.37 -23.27 -21.80
CA MET B 164 -6.13 -23.75 -20.64
C MET B 164 -7.53 -24.13 -21.08
N LEU B 165 -8.16 -23.27 -21.88
CA LEU B 165 -9.49 -23.55 -22.38
C LEU B 165 -9.50 -24.80 -23.28
N GLN B 166 -8.48 -24.96 -24.13
CA GLN B 166 -8.36 -26.20 -24.92
C GLN B 166 -8.18 -27.43 -24.02
N ARG B 167 -7.41 -27.26 -22.94
CA ARG B 167 -7.24 -28.38 -22.02
C ARG B 167 -8.58 -28.82 -21.39
N ILE B 168 -9.41 -27.86 -21.00
CA ILE B 168 -10.74 -28.16 -20.45
C ILE B 168 -11.66 -28.81 -21.51
N ASP B 169 -11.59 -28.30 -22.74
CA ASP B 169 -12.30 -28.94 -23.86
C ASP B 169 -11.91 -30.39 -23.98
N ALA B 170 -10.60 -30.63 -23.99
CA ALA B 170 -10.09 -31.99 -24.04
C ALA B 170 -10.68 -32.80 -22.90
N HIS B 171 -10.61 -32.28 -21.67
CA HIS B 171 -11.16 -32.98 -20.51
C HIS B 171 -12.59 -33.40 -20.75
N ASN B 172 -13.38 -32.47 -21.29
CA ASN B 172 -14.82 -32.64 -21.39
C ASN B 172 -15.19 -33.73 -22.40
N THR B 173 -14.46 -33.79 -23.51
CA THR B 173 -14.68 -34.83 -24.53
C THR B 173 -14.88 -36.22 -23.94
N ARG B 174 -14.16 -36.51 -22.85
CA ARG B 174 -14.19 -37.85 -22.27
C ARG B 174 -15.23 -38.01 -21.17
N GLN B 175 -16.02 -36.98 -20.92
CA GLN B 175 -16.96 -37.05 -19.79
C GLN B 175 -18.37 -37.26 -20.27
N PRO B 176 -19.16 -38.04 -19.50
CA PRO B 176 -20.60 -38.05 -19.74
C PRO B 176 -21.08 -36.60 -19.69
N PRO B 177 -22.26 -36.30 -20.25
CA PRO B 177 -22.75 -34.92 -20.25
C PRO B 177 -22.91 -34.35 -18.85
N GLU B 178 -23.12 -35.21 -17.86
CA GLU B 178 -23.40 -34.78 -16.48
C GLU B 178 -22.15 -34.47 -15.68
N GLN B 179 -21.00 -34.88 -16.21
CA GLN B 179 -19.73 -34.60 -15.57
C GLN B 179 -18.95 -33.64 -16.44
N LYS B 180 -19.66 -32.93 -17.30
CA LYS B 180 -19.01 -31.91 -18.12
C LYS B 180 -18.81 -30.66 -17.26
N ILE B 181 -17.68 -29.99 -17.48
CA ILE B 181 -17.34 -28.79 -16.76
C ILE B 181 -17.75 -27.57 -17.59
N ARG B 182 -18.67 -26.77 -17.05
CA ARG B 182 -19.09 -25.58 -17.75
C ARG B 182 -17.97 -24.56 -17.68
N VAL B 183 -17.90 -23.73 -18.73
CA VAL B 183 -16.84 -22.75 -18.82
C VAL B 183 -17.37 -21.35 -19.17
N SER B 184 -16.82 -20.34 -18.51
CA SER B 184 -17.15 -18.96 -18.82
C SER B 184 -15.89 -18.17 -18.97
N VAL B 185 -15.96 -17.10 -19.76
CA VAL B 185 -14.82 -16.27 -20.06
C VAL B 185 -15.27 -14.80 -19.91
N GLU B 186 -14.39 -13.96 -19.40
CA GLU B 186 -14.70 -12.54 -19.29
C GLU B 186 -13.69 -11.71 -20.06
N VAL B 187 -14.19 -10.86 -20.94
CA VAL B 187 -13.36 -9.94 -21.70
C VAL B 187 -13.75 -8.55 -21.23
N GLU B 188 -12.89 -7.92 -20.44
CA GLU B 188 -13.29 -6.69 -19.77
C GLU B 188 -12.32 -5.55 -20.00
N LYS B 189 -11.16 -5.85 -20.58
CA LYS B 189 -10.23 -4.79 -21.00
C LYS B 189 -10.19 -4.67 -22.52
N PRO B 190 -10.15 -3.43 -23.02
CA PRO B 190 -10.16 -3.18 -24.47
C PRO B 190 -8.80 -3.50 -25.10
N ARG B 191 -8.45 -4.78 -25.18
CA ARG B 191 -7.14 -5.18 -25.71
C ARG B 191 -7.30 -6.24 -26.78
N GLU B 192 -6.81 -5.96 -27.97
CA GLU B 192 -6.93 -6.87 -29.12
C GLU B 192 -6.76 -8.34 -28.76
N GLU B 193 -5.72 -8.65 -28.00
CA GLU B 193 -5.34 -10.03 -27.75
C GLU B 193 -6.45 -10.85 -27.10
N LEU B 194 -7.25 -10.18 -26.28
CA LEU B 194 -8.35 -10.82 -25.57
C LEU B 194 -9.46 -11.25 -26.50
N PHE B 195 -9.60 -10.58 -27.65
CA PHE B 195 -10.74 -10.85 -28.51
C PHE B 195 -10.80 -12.32 -28.97
N GLN B 196 -9.66 -13.00 -28.97
CA GLN B 196 -9.65 -14.41 -29.36
C GLN B 196 -10.32 -15.27 -28.31
N LEU B 197 -10.61 -14.70 -27.14
CA LEU B 197 -11.24 -15.46 -26.08
C LEU B 197 -12.71 -15.63 -26.31
N PHE B 198 -13.30 -14.78 -27.15
CA PHE B 198 -14.71 -14.86 -27.47
C PHE B 198 -15.03 -16.26 -27.98
N GLY B 199 -14.06 -16.86 -28.66
CA GLY B 199 -14.29 -18.16 -29.27
C GLY B 199 -14.35 -19.34 -28.32
N TYR B 200 -14.27 -19.09 -27.01
CA TYR B 200 -14.23 -20.19 -26.05
C TYR B 200 -15.23 -20.00 -24.92
N GLY B 201 -15.60 -21.10 -24.30
CA GLY B 201 -16.56 -21.05 -23.22
C GLY B 201 -18.02 -21.18 -23.67
N ASP B 202 -18.81 -21.83 -22.81
CA ASP B 202 -20.25 -21.84 -22.90
C ASP B 202 -20.85 -20.47 -22.66
N VAL B 203 -20.19 -19.66 -21.82
CA VAL B 203 -20.70 -18.35 -21.49
C VAL B 203 -19.62 -17.29 -21.60
N VAL B 204 -19.90 -16.24 -22.36
CA VAL B 204 -18.94 -15.18 -22.61
C VAL B 204 -19.51 -13.83 -22.10
N PHE B 205 -18.77 -13.20 -21.18
CA PHE B 205 -19.13 -11.89 -20.67
C PHE B 205 -18.25 -10.85 -21.35
N VAL B 206 -18.87 -9.83 -21.92
CA VAL B 206 -18.12 -8.73 -22.49
C VAL B 206 -18.57 -7.47 -21.77
N SER B 207 -17.63 -6.58 -21.48
CA SER B 207 -17.98 -5.47 -20.60
C SER B 207 -18.54 -4.32 -21.39
N LYS B 208 -19.34 -3.49 -20.73
CA LYS B 208 -19.81 -2.25 -21.34
C LYS B 208 -18.63 -1.46 -21.92
N ASP B 209 -17.54 -1.36 -21.16
CA ASP B 209 -16.41 -0.54 -21.60
C ASP B 209 -15.68 -1.11 -22.82
N VAL B 210 -15.65 -2.43 -22.96
CA VAL B 210 -15.09 -3.05 -24.16
C VAL B 210 -16.02 -2.86 -25.34
N ALA B 211 -17.32 -3.04 -25.12
CA ALA B 211 -18.30 -2.83 -26.16
C ALA B 211 -18.18 -1.42 -26.73
N LYS B 212 -18.15 -0.41 -25.85
CA LYS B 212 -18.00 0.98 -26.28
C LYS B 212 -16.67 1.28 -27.01
N HIS B 213 -15.61 0.54 -26.67
CA HIS B 213 -14.35 0.68 -27.38
C HIS B 213 -14.40 0.12 -28.80
N LEU B 214 -15.15 -0.97 -29.01
CA LEU B 214 -15.35 -1.53 -30.32
C LEU B 214 -16.40 -0.72 -31.08
N GLY B 215 -16.91 0.32 -30.44
CA GLY B 215 -17.80 1.26 -31.09
C GLY B 215 -19.28 0.95 -31.02
N PHE B 216 -19.68 0.07 -30.12
CA PHE B 216 -21.08 -0.24 -29.92
C PHE B 216 -21.64 0.67 -28.87
N GLN B 217 -22.87 1.11 -29.06
CA GLN B 217 -23.43 2.12 -28.17
C GLN B 217 -24.53 1.60 -27.24
N SER B 218 -24.74 0.28 -27.25
CA SER B 218 -25.73 -0.34 -26.36
C SER B 218 -25.48 -1.83 -26.30
N ALA B 219 -26.02 -2.48 -25.27
CA ALA B 219 -25.85 -3.92 -25.11
C ALA B 219 -26.36 -4.70 -26.33
N GLU B 220 -27.47 -4.23 -26.92
CA GLU B 220 -28.07 -4.90 -28.07
C GLU B 220 -27.13 -4.85 -29.28
N GLU B 221 -26.59 -3.66 -29.56
CA GLU B 221 -25.62 -3.50 -30.64
C GLU B 221 -24.42 -4.43 -30.40
N ALA B 222 -23.97 -4.48 -29.16
CA ALA B 222 -22.79 -5.24 -28.81
C ALA B 222 -23.05 -6.73 -29.02
N LEU B 223 -24.13 -7.24 -28.45
CA LEU B 223 -24.47 -8.64 -28.60
C LEU B 223 -24.67 -9.03 -30.06
N ARG B 224 -25.48 -8.25 -30.78
CA ARG B 224 -25.74 -8.53 -32.19
C ARG B 224 -24.46 -8.41 -33.01
N GLY B 225 -23.57 -7.52 -32.61
CA GLY B 225 -22.36 -7.28 -33.37
C GLY B 225 -21.22 -8.23 -33.08
N LEU B 226 -21.30 -8.97 -31.98
CA LEU B 226 -20.17 -9.79 -31.53
C LEU B 226 -20.50 -11.25 -31.51
N TYR B 227 -21.79 -11.56 -31.63
CA TYR B 227 -22.21 -12.94 -31.44
C TYR B 227 -21.50 -13.89 -32.40
N GLY B 228 -21.18 -13.37 -33.59
CA GLY B 228 -20.60 -14.19 -34.63
C GLY B 228 -19.21 -14.64 -34.26
N ARG B 229 -18.69 -14.10 -33.14
CA ARG B 229 -17.32 -14.40 -32.72
C ARG B 229 -17.24 -15.53 -31.70
N VAL B 230 -18.39 -15.91 -31.13
CA VAL B 230 -18.42 -16.91 -30.08
C VAL B 230 -18.62 -18.27 -30.71
N ARG B 231 -18.33 -19.33 -29.97
CA ARG B 231 -18.44 -20.64 -30.58
C ARG B 231 -19.88 -21.16 -30.57
N LYS B 232 -20.17 -22.06 -31.51
CA LYS B 232 -21.50 -22.63 -31.66
C LYS B 232 -22.06 -23.06 -30.31
N GLY B 233 -23.25 -22.54 -30.00
CA GLY B 233 -23.93 -22.92 -28.77
C GLY B 233 -23.71 -21.97 -27.60
N ALA B 234 -22.74 -21.06 -27.72
CA ALA B 234 -22.38 -20.22 -26.59
C ALA B 234 -23.39 -19.11 -26.33
N VAL B 235 -23.50 -18.70 -25.07
CA VAL B 235 -24.31 -17.55 -24.69
C VAL B 235 -23.41 -16.35 -24.46
N LEU B 236 -23.71 -15.23 -25.15
CA LEU B 236 -22.98 -13.97 -25.00
C LEU B 236 -23.75 -13.01 -24.10
N VAL B 237 -23.06 -12.45 -23.10
CA VAL B 237 -23.70 -11.66 -22.05
C VAL B 237 -23.05 -10.29 -21.92
N CYS B 238 -23.88 -9.26 -21.80
CA CYS B 238 -23.36 -7.91 -21.65
C CYS B 238 -24.23 -7.07 -20.71
N ALA B 239 -23.62 -6.63 -19.62
CA ALA B 239 -24.26 -5.78 -18.62
C ALA B 239 -23.97 -4.32 -18.95
N TRP B 240 -24.96 -3.46 -18.78
CA TRP B 240 -24.81 -2.05 -19.17
C TRP B 240 -25.25 -1.20 -17.99
N ALA B 241 -24.81 -1.62 -16.82
CA ALA B 241 -25.02 -0.89 -15.58
C ALA B 241 -26.49 -0.56 -15.39
N GLU B 242 -26.82 0.73 -15.38
CA GLU B 242 -28.18 1.18 -15.08
C GLU B 242 -29.19 0.80 -16.15
N GLU B 243 -28.70 0.45 -17.33
CA GLU B 243 -29.58 0.03 -18.41
C GLU B 243 -29.90 -1.47 -18.36
N GLY B 244 -29.50 -2.14 -17.27
CA GLY B 244 -29.71 -3.57 -17.11
C GLY B 244 -28.73 -4.39 -17.91
N ALA B 245 -29.16 -5.57 -18.34
CA ALA B 245 -28.26 -6.48 -19.04
C ALA B 245 -28.97 -7.31 -20.10
N ASP B 246 -28.23 -7.72 -21.12
CA ASP B 246 -28.79 -8.55 -22.18
C ASP B 246 -28.01 -9.86 -22.33
N ALA B 247 -28.68 -10.88 -22.87
CA ALA B 247 -27.97 -12.09 -23.26
C ALA B 247 -28.49 -12.58 -24.60
N LEU B 248 -27.61 -13.21 -25.35
CA LEU B 248 -27.96 -13.73 -26.65
C LEU B 248 -27.33 -15.11 -26.81
N GLY B 249 -28.18 -16.12 -26.97
CA GLY B 249 -27.73 -17.48 -27.21
C GLY B 249 -27.96 -17.96 -28.64
N PRO B 250 -27.85 -19.28 -28.87
CA PRO B 250 -27.88 -19.91 -30.19
C PRO B 250 -29.20 -19.69 -30.95
N ASP B 251 -30.28 -19.47 -30.21
CA ASP B 251 -31.60 -19.30 -30.82
C ASP B 251 -31.87 -17.86 -31.29
N GLY B 252 -30.86 -17.00 -31.24
CA GLY B 252 -30.95 -15.64 -31.77
C GLY B 252 -31.89 -14.67 -31.06
N LYS B 253 -32.50 -15.13 -29.98
CA LYS B 253 -33.36 -14.31 -29.15
C LYS B 253 -32.60 -13.45 -28.13
N LEU B 254 -32.62 -12.13 -28.34
CA LEU B 254 -32.04 -11.17 -27.41
C LEU B 254 -32.81 -11.07 -26.10
N LEU B 255 -32.21 -11.50 -24.99
CA LEU B 255 -32.88 -11.46 -23.70
C LEU B 255 -32.47 -10.23 -22.90
N HIS B 256 -33.33 -9.78 -22.01
CA HIS B 256 -33.06 -8.55 -21.31
C HIS B 256 -33.68 -8.51 -19.93
N SER B 257 -32.95 -7.91 -19.00
CA SER B 257 -33.49 -7.62 -17.69
C SER B 257 -33.14 -6.17 -17.37
N ASP B 258 -34.10 -5.44 -16.82
CA ASP B 258 -33.83 -4.09 -16.35
C ASP B 258 -32.93 -4.16 -15.14
N ALA B 259 -32.25 -3.04 -14.84
CA ALA B 259 -31.51 -2.91 -13.61
C ALA B 259 -32.45 -2.99 -12.41
N PHE B 260 -31.89 -3.30 -11.24
CA PHE B 260 -32.60 -3.13 -9.97
C PHE B 260 -31.84 -2.12 -9.12
N PRO B 261 -32.09 -0.83 -9.36
CA PRO B 261 -31.36 0.25 -8.65
C PRO B 261 -31.64 0.17 -7.17
N PRO B 262 -30.60 0.38 -6.35
CA PRO B 262 -30.78 0.45 -4.89
C PRO B 262 -31.45 1.77 -4.48
N PRO B 263 -32.04 1.81 -3.28
CA PRO B 263 -32.60 3.03 -2.67
C PRO B 263 -31.68 4.24 -2.91
N ARG B 264 -30.42 4.10 -2.50
CA ARG B 264 -29.37 5.06 -2.88
C ARG B 264 -28.07 4.31 -3.22
N VAL B 265 -27.31 4.85 -4.18
CA VAL B 265 -26.06 4.24 -4.64
C VAL B 265 -24.86 4.59 -3.73
N VAL B 266 -24.27 3.58 -3.12
CA VAL B 266 -23.19 3.76 -2.16
C VAL B 266 -21.81 3.39 -2.72
N ASP B 267 -21.73 2.25 -3.40
CA ASP B 267 -20.45 1.67 -3.80
C ASP B 267 -20.60 0.72 -5.01
N THR B 268 -20.11 1.16 -6.17
CA THR B 268 -20.32 0.40 -7.39
C THR B 268 -19.12 -0.44 -7.76
N LEU B 269 -18.04 -0.25 -7.02
CA LEU B 269 -16.82 -1.02 -7.24
C LEU B 269 -17.10 -2.50 -7.09
N GLY B 270 -16.87 -3.25 -8.17
CA GLY B 270 -17.07 -4.69 -8.14
C GLY B 270 -18.49 -5.13 -8.43
N ALA B 271 -19.35 -4.18 -8.80
CA ALA B 271 -20.71 -4.52 -9.26
C ALA B 271 -20.68 -5.49 -10.45
N GLY B 272 -19.85 -5.20 -11.44
CA GLY B 272 -19.72 -6.08 -12.59
C GLY B 272 -19.29 -7.50 -12.25
N ASP B 273 -18.38 -7.63 -11.28
CA ASP B 273 -17.92 -8.94 -10.83
C ASP B 273 -19.02 -9.61 -10.05
N THR B 274 -19.88 -8.79 -9.45
CA THR B 274 -21.01 -9.32 -8.71
C THR B 274 -22.04 -9.89 -9.68
N PHE B 275 -22.31 -9.14 -10.76
CA PHE B 275 -23.20 -9.57 -11.81
C PHE B 275 -22.68 -10.90 -12.41
N ASN B 276 -21.41 -10.92 -12.79
CA ASN B 276 -20.81 -12.12 -13.35
C ASN B 276 -20.94 -13.37 -12.48
N ALA B 277 -20.65 -13.22 -11.20
CA ALA B 277 -20.64 -14.38 -10.29
C ALA B 277 -22.04 -14.87 -10.07
N SER B 278 -22.98 -13.94 -10.06
CA SER B 278 -24.37 -14.29 -9.82
C SER B 278 -24.95 -14.97 -11.06
N VAL B 279 -24.63 -14.46 -12.25
CA VAL B 279 -25.09 -15.12 -13.47
C VAL B 279 -24.55 -16.57 -13.53
N ILE B 280 -23.25 -16.71 -13.32
CA ILE B 280 -22.61 -18.01 -13.23
C ILE B 280 -23.30 -18.91 -12.21
N PHE B 281 -23.48 -18.36 -11.01
CA PHE B 281 -24.02 -19.18 -9.94
C PHE B 281 -25.40 -19.73 -10.30
N SER B 282 -26.31 -18.84 -10.69
CA SER B 282 -27.65 -19.20 -11.16
C SER B 282 -27.60 -20.29 -12.24
N LEU B 283 -26.82 -20.07 -13.29
CA LEU B 283 -26.71 -21.09 -14.34
C LEU B 283 -26.21 -22.40 -13.76
N SER B 284 -25.23 -22.33 -12.86
CA SER B 284 -24.63 -23.55 -12.33
C SER B 284 -25.69 -24.29 -11.53
N GLN B 285 -26.70 -23.55 -11.07
CA GLN B 285 -27.81 -24.13 -10.33
C GLN B 285 -28.92 -24.72 -11.24
N GLY B 286 -28.67 -24.75 -12.56
CA GLY B 286 -29.68 -25.23 -13.47
C GLY B 286 -30.74 -24.22 -13.93
N ARG B 287 -30.63 -22.95 -13.51
CA ARG B 287 -31.65 -21.95 -13.94
C ARG B 287 -31.51 -21.64 -15.42
N SER B 288 -32.55 -21.04 -15.99
CA SER B 288 -32.47 -20.59 -17.39
C SER B 288 -31.62 -19.33 -17.53
N VAL B 289 -31.18 -19.07 -18.75
CA VAL B 289 -30.48 -17.84 -19.08
C VAL B 289 -31.26 -16.59 -18.67
N GLN B 290 -32.56 -16.57 -18.97
CA GLN B 290 -33.40 -15.44 -18.61
C GLN B 290 -33.41 -15.20 -17.10
N GLU B 291 -33.60 -16.29 -16.34
CA GLU B 291 -33.58 -16.25 -14.86
C GLU B 291 -32.20 -15.79 -14.33
N ALA B 292 -31.12 -16.33 -14.90
CA ALA B 292 -29.76 -15.99 -14.49
C ALA B 292 -29.46 -14.52 -14.69
N LEU B 293 -29.87 -13.99 -15.84
CA LEU B 293 -29.68 -12.59 -16.18
C LEU B 293 -30.41 -11.71 -15.17
N ARG B 294 -31.61 -12.12 -14.79
CA ARG B 294 -32.42 -11.36 -13.83
C ARG B 294 -31.76 -11.34 -12.42
N PHE B 295 -31.40 -12.53 -11.93
CA PHE B 295 -30.71 -12.71 -10.67
C PHE B 295 -29.44 -11.86 -10.63
N GLY B 296 -28.65 -11.95 -11.69
CA GLY B 296 -27.43 -11.18 -11.82
C GLY B 296 -27.69 -9.71 -11.57
N CYS B 297 -28.71 -9.17 -12.24
CA CYS B 297 -29.11 -7.76 -12.07
C CYS B 297 -29.57 -7.43 -10.66
N GLN B 298 -30.39 -8.30 -10.07
CA GLN B 298 -30.83 -8.13 -8.68
C GLN B 298 -29.66 -8.09 -7.67
N VAL B 299 -28.74 -9.06 -7.74
CA VAL B 299 -27.64 -9.13 -6.77
C VAL B 299 -26.69 -7.92 -6.96
N ALA B 300 -26.36 -7.61 -8.22
CA ALA B 300 -25.48 -6.50 -8.51
C ALA B 300 -26.07 -5.15 -8.09
N GLY B 301 -27.38 -5.00 -8.24
CA GLY B 301 -28.02 -3.74 -7.94
C GLY B 301 -28.07 -3.59 -6.44
N LYS B 302 -28.28 -4.70 -5.76
CA LYS B 302 -28.26 -4.70 -4.30
C LYS B 302 -26.88 -4.29 -3.82
N LYS B 303 -25.85 -4.91 -4.40
CA LYS B 303 -24.49 -4.64 -3.99
C LYS B 303 -24.20 -3.13 -4.07
N CYS B 304 -24.76 -2.48 -5.08
CA CYS B 304 -24.44 -1.09 -5.33
C CYS B 304 -24.94 -0.16 -4.24
N GLY B 305 -25.91 -0.62 -3.45
CA GLY B 305 -26.38 0.13 -2.32
C GLY B 305 -25.71 -0.25 -0.99
N LEU B 306 -24.64 -1.01 -1.07
CA LEU B 306 -23.93 -1.46 0.13
C LEU B 306 -22.46 -1.13 -0.04
N GLN B 307 -21.77 -1.03 1.09
CA GLN B 307 -20.33 -0.84 1.07
C GLN B 307 -19.72 -2.25 1.09
N GLY B 308 -18.87 -2.54 0.12
CA GLY B 308 -18.27 -3.87 0.02
C GLY B 308 -19.29 -4.95 -0.29
N PHE B 309 -19.06 -6.17 0.16
CA PHE B 309 -19.91 -7.28 -0.23
C PHE B 309 -20.73 -7.88 0.91
N ASP B 310 -20.72 -7.24 2.09
CA ASP B 310 -21.40 -7.78 3.26
C ASP B 310 -22.92 -7.92 3.10
N GLY B 311 -23.60 -6.90 2.62
CA GLY B 311 -25.04 -7.05 2.47
C GLY B 311 -25.64 -8.05 1.46
N ILE B 312 -24.94 -8.37 0.39
CA ILE B 312 -25.58 -8.99 -0.78
C ILE B 312 -26.42 -10.24 -0.51
N VAL B 313 -25.97 -11.07 0.44
CA VAL B 313 -26.65 -12.34 0.81
C VAL B 313 -27.26 -13.16 -0.32
C1 GOL C . 6.22 9.57 10.13
O1 GOL C . 6.99 10.42 11.00
C2 GOL C . 6.86 9.36 8.74
O2 GOL C . 6.44 10.38 7.84
C3 GOL C . 6.52 7.97 8.19
O3 GOL C . 5.70 7.94 7.03
S SO4 D . 12.33 12.59 5.03
O1 SO4 D . 12.72 12.07 6.35
O2 SO4 D . 11.60 13.83 5.20
O3 SO4 D . 13.53 12.84 4.22
O4 SO4 D . 11.48 11.61 4.34
C01 TR4 E . 21.60 18.63 3.57
S02 TR4 E . 21.02 16.97 3.80
C03 TR4 E . 20.19 16.58 2.36
N04 TR4 E . 20.70 16.57 1.12
N05 TR4 E . 19.71 16.25 0.27
C06 TR4 E . 18.47 16.05 0.92
N07 TR4 E . 17.27 15.74 0.33
C08 TR4 E . 18.78 16.26 2.28
C09 TR4 E . 17.90 16.17 3.35
N10 TR4 E . 17.17 16.11 4.26
C11 TR4 E . 19.87 16.21 -1.12
C12 TR4 E . 19.17 15.24 -1.83
C13 TR4 E . 19.32 15.25 -3.21
C14 TR4 E . 20.14 16.20 -3.83
C15 TR4 E . 20.83 17.17 -3.09
C16 TR4 E . 20.69 17.18 -1.71
S SO4 F . -16.00 -6.11 2.58
O1 SO4 F . -16.98 -5.15 3.10
O2 SO4 F . -16.63 -7.00 1.61
O3 SO4 F . -14.89 -5.41 1.93
O4 SO4 F . -15.51 -6.89 3.72
S SO4 G . -4.92 -5.05 -14.52
O1 SO4 G . -6.01 -6.02 -14.72
O2 SO4 G . -3.63 -5.75 -14.55
O3 SO4 G . -4.89 -4.05 -15.57
O4 SO4 G . -5.09 -4.39 -13.22
C01 TR4 H . -26.72 -4.83 -14.87
S02 TR4 H . -25.87 -5.21 -13.35
C03 TR4 H . -25.63 -3.67 -12.63
N04 TR4 H . -26.55 -2.86 -12.07
N05 TR4 H . -25.91 -1.73 -11.69
C06 TR4 H . -24.53 -1.73 -12.00
N07 TR4 H . -23.62 -0.74 -11.77
C08 TR4 H . -24.34 -2.99 -12.60
C09 TR4 H . -23.13 -3.47 -13.07
N10 TR4 H . -22.14 -3.87 -13.49
C11 TR4 H . -26.55 -0.59 -11.16
C12 TR4 H . -27.87 -0.40 -11.64
C13 TR4 H . -28.56 0.73 -11.21
C14 TR4 H . -27.92 1.62 -10.34
C15 TR4 H . -26.61 1.41 -9.88
C16 TR4 H . -25.90 0.29 -10.29
#